data_1I4L
#
_entry.id   1I4L
#
_cell.length_a   112.379
_cell.length_b   112.379
_cell.length_c   68.242
_cell.angle_alpha   90.00
_cell.angle_beta   90.00
_cell.angle_gamma   90.00
#
_symmetry.space_group_name_H-M   'P 41'
#
loop_
_entity.id
_entity.type
_entity.pdbx_description
1 polymer 'ARFAPTIN 2'
2 polymer 'RAS-RELATED C3 BOTULINUM TOXIN SUBSTRATE 1'
3 non-polymer 'MAGNESIUM ION'
4 non-polymer "GUANOSINE-5'-DIPHOSPHATE"
5 water water
#
loop_
_entity_poly.entity_id
_entity_poly.type
_entity_poly.pdbx_seq_one_letter_code
_entity_poly.pdbx_strand_id
1 'polypeptide(L)'
;GSRTVDLELELQIELLRETKRKYESVLQLGRALTAHLYSLLQTQHALGDAFADLSQKSPELQEEFGYNAETQKLLCKNGE
TLLGAVNFFVSSINTLVTKTMEDTLMTVKQYEAARLEYDAYRTDLEELSLGPRDAGTRGRLESAQATFQAHRDKYEKLRG
DVAIKLKFLEENKIKVMHKQLLLFHNAVSAYFAGNQKQLEQTLQQFNIKLRPPGAEKPSWLEEQ
;
A,B
2 'polypeptide(L)'
;MQAIKCVVVGDGAVGKTCLLISYTTNAFPGEYIPTVFDNYSANVMVDGKPVNLGLWDTAGQEDYDRLRPLSYPQTDVFLI
CFSLVSPASFENVRAKWYPEVRHHCPNTPIILVGTKLDLRDDKDTIEKLKEKKLTPITYPQGLAMAKEIGAVKYLECSAL
TQRGLKTVFDEAIRAVLCPPPVKKRKRKCLLL
;
D
#
loop_
_chem_comp.id
_chem_comp.type
_chem_comp.name
_chem_comp.formula
GDP RNA linking GUANOSINE-5'-DIPHOSPHATE 'C10 H15 N5 O11 P2'
MG non-polymer 'MAGNESIUM ION' 'Mg 2'
#
# COMPACT_ATOMS: atom_id res chain seq x y z
N SER A 2 -13.97 14.11 51.01
CA SER A 2 -14.87 15.16 50.42
C SER A 2 -14.98 14.96 48.90
N ARG A 3 -14.83 13.72 48.45
CA ARG A 3 -14.96 13.44 47.04
C ARG A 3 -15.93 12.30 46.87
N THR A 4 -16.84 12.43 45.91
CA THR A 4 -17.82 11.40 45.64
C THR A 4 -17.18 10.34 44.77
N VAL A 5 -17.29 9.09 45.18
CA VAL A 5 -16.72 7.99 44.42
C VAL A 5 -17.76 6.87 44.22
N ASP A 6 -17.98 6.49 42.98
CA ASP A 6 -18.89 5.40 42.65
C ASP A 6 -17.89 4.33 42.23
N LEU A 7 -17.23 3.73 43.21
CA LEU A 7 -16.19 2.72 42.97
C LEU A 7 -16.37 1.77 41.82
N GLU A 8 -17.41 0.96 41.89
CA GLU A 8 -17.64 -0.02 40.84
C GLU A 8 -17.79 0.64 39.47
N LEU A 9 -18.63 1.67 39.43
CA LEU A 9 -18.91 2.44 38.22
C LEU A 9 -17.63 3.08 37.65
N GLU A 10 -16.88 3.77 38.49
CA GLU A 10 -15.65 4.41 38.03
C GLU A 10 -14.61 3.39 37.55
N LEU A 11 -14.57 2.21 38.19
CA LEU A 11 -13.65 1.18 37.76
C LEU A 11 -14.04 0.74 36.35
N GLN A 12 -15.35 0.59 36.11
CA GLN A 12 -15.85 0.20 34.78
C GLN A 12 -15.48 1.29 33.77
N ILE A 13 -15.63 2.55 34.15
CA ILE A 13 -15.30 3.63 33.23
C ILE A 13 -13.81 3.61 32.85
N GLU A 14 -12.91 3.41 33.81
CA GLU A 14 -11.48 3.35 33.49
C GLU A 14 -11.21 2.22 32.49
N LEU A 15 -11.88 1.09 32.69
CA LEU A 15 -11.73 -0.07 31.82
C LEU A 15 -12.24 0.18 30.41
N LEU A 16 -13.33 0.93 30.29
CA LEU A 16 -13.89 1.27 28.99
C LEU A 16 -12.93 2.20 28.26
N ARG A 17 -12.34 3.13 28.99
CA ARG A 17 -11.41 4.05 28.37
C ARG A 17 -10.14 3.30 27.94
N GLU A 18 -9.69 2.39 28.78
CA GLU A 18 -8.51 1.59 28.46
C GLU A 18 -8.86 0.61 27.34
N THR A 19 -10.09 0.11 27.32
CA THR A 19 -10.46 -0.80 26.25
C THR A 19 -10.49 -0.02 24.95
N LYS A 20 -11.12 1.15 24.97
CA LYS A 20 -11.21 1.98 23.77
C LYS A 20 -9.85 2.37 23.25
N ARG A 21 -8.89 2.56 24.15
CA ARG A 21 -7.55 2.92 23.73
C ARG A 21 -6.94 1.73 22.93
N LYS A 22 -7.00 0.56 23.53
CA LYS A 22 -6.45 -0.63 22.90
C LYS A 22 -7.11 -0.96 21.58
N TYR A 23 -8.44 -0.86 21.52
CA TYR A 23 -9.13 -1.13 20.28
C TYR A 23 -8.73 -0.13 19.22
N GLU A 24 -8.59 1.14 19.59
CA GLU A 24 -8.17 2.12 18.61
C GLU A 24 -6.80 1.75 18.07
N SER A 25 -5.98 1.13 18.92
CA SER A 25 -4.64 0.71 18.55
C SER A 25 -4.73 -0.44 17.52
N VAL A 26 -5.63 -1.38 17.79
CA VAL A 26 -5.85 -2.51 16.89
C VAL A 26 -6.36 -1.98 15.55
N LEU A 27 -7.25 -1.00 15.63
CA LEU A 27 -7.85 -0.37 14.47
C LEU A 27 -6.81 0.26 13.56
N GLN A 28 -5.81 0.87 14.18
CA GLN A 28 -4.74 1.49 13.42
C GLN A 28 -3.94 0.38 12.73
N LEU A 29 -3.54 -0.63 13.51
CA LEU A 29 -2.77 -1.75 12.97
C LEU A 29 -3.56 -2.39 11.83
N GLY A 30 -4.86 -2.54 12.01
CA GLY A 30 -5.67 -3.14 10.96
C GLY A 30 -5.56 -2.35 9.68
N ARG A 31 -5.66 -1.03 9.81
CA ARG A 31 -5.56 -0.16 8.64
C ARG A 31 -4.23 -0.36 7.95
N ALA A 32 -3.15 -0.39 8.74
CA ALA A 32 -1.82 -0.60 8.18
C ALA A 32 -1.82 -1.96 7.47
N LEU A 33 -2.42 -2.95 8.13
CA LEU A 33 -2.49 -4.29 7.59
C LEU A 33 -3.15 -4.27 6.23
N THR A 34 -4.15 -3.42 6.08
CA THR A 34 -4.86 -3.29 4.82
C THR A 34 -4.01 -2.66 3.73
N ALA A 35 -3.17 -1.70 4.11
CA ALA A 35 -2.32 -0.99 3.17
C ALA A 35 -1.31 -1.95 2.58
N HIS A 36 -0.45 -2.43 3.49
CA HIS A 36 0.60 -3.37 3.17
C HIS A 36 0.12 -4.56 2.39
N LEU A 37 -1.06 -5.06 2.74
CA LEU A 37 -1.61 -6.21 2.06
C LEU A 37 -2.01 -5.87 0.63
N TYR A 38 -2.45 -4.63 0.43
CA TYR A 38 -2.86 -4.16 -0.91
C TYR A 38 -1.59 -3.93 -1.72
N SER A 39 -0.51 -3.53 -1.04
CA SER A 39 0.77 -3.32 -1.71
C SER A 39 1.40 -4.65 -2.07
N LEU A 40 1.30 -5.62 -1.16
CA LEU A 40 1.87 -6.93 -1.39
C LEU A 40 1.13 -7.54 -2.57
N LEU A 41 -0.19 -7.52 -2.48
CA LEU A 41 -1.05 -8.05 -3.51
C LEU A 41 -0.59 -7.62 -4.90
N GLN A 42 -0.76 -6.34 -5.22
CA GLN A 42 -0.38 -5.81 -6.52
C GLN A 42 0.93 -6.37 -7.05
N THR A 43 1.97 -6.30 -6.22
CA THR A 43 3.29 -6.82 -6.60
C THR A 43 3.14 -8.24 -7.15
N GLN A 44 2.54 -9.10 -6.35
CA GLN A 44 2.34 -10.47 -6.76
C GLN A 44 1.68 -10.58 -8.14
N HIS A 45 0.94 -9.53 -8.53
CA HIS A 45 0.30 -9.52 -9.83
C HIS A 45 1.35 -9.14 -10.85
N ALA A 46 2.23 -8.22 -10.48
CA ALA A 46 3.29 -7.77 -11.37
C ALA A 46 4.27 -8.93 -11.54
N LEU A 47 4.81 -9.38 -10.41
CA LEU A 47 5.76 -10.47 -10.38
C LEU A 47 5.22 -11.58 -11.25
N GLY A 48 3.98 -11.97 -11.00
CA GLY A 48 3.37 -13.02 -11.79
C GLY A 48 3.53 -12.76 -13.28
N ASP A 49 3.17 -11.55 -13.71
CA ASP A 49 3.27 -11.19 -15.11
C ASP A 49 4.70 -11.19 -15.65
N ALA A 50 5.63 -10.63 -14.88
CA ALA A 50 7.01 -10.60 -15.33
C ALA A 50 7.49 -12.04 -15.53
N PHE A 51 7.41 -12.83 -14.46
CA PHE A 51 7.81 -14.22 -14.49
C PHE A 51 7.15 -14.96 -15.64
N ALA A 52 5.91 -14.60 -15.95
CA ALA A 52 5.24 -15.25 -17.05
C ALA A 52 5.90 -14.78 -18.34
N ASP A 53 6.32 -13.52 -18.37
CA ASP A 53 6.97 -12.97 -19.55
C ASP A 53 8.27 -13.71 -19.77
N LEU A 54 9.19 -13.52 -18.84
CA LEU A 54 10.49 -14.17 -18.85
C LEU A 54 10.35 -15.66 -19.16
N SER A 55 9.26 -16.27 -18.71
CA SER A 55 9.04 -17.70 -18.95
C SER A 55 8.97 -18.01 -20.45
N GLN A 56 8.39 -17.10 -21.23
CA GLN A 56 8.28 -17.31 -22.66
C GLN A 56 9.54 -16.93 -23.41
N LYS A 57 10.19 -15.86 -22.98
CA LYS A 57 11.42 -15.41 -23.64
C LYS A 57 12.69 -16.09 -23.12
N SER A 58 12.54 -17.26 -22.50
CA SER A 58 13.70 -17.99 -21.99
C SER A 58 13.40 -19.47 -21.87
N PRO A 59 13.62 -20.23 -22.95
CA PRO A 59 13.36 -21.67 -22.87
C PRO A 59 14.27 -22.40 -21.89
N GLU A 60 15.44 -21.84 -21.63
CA GLU A 60 16.36 -22.47 -20.71
C GLU A 60 15.70 -22.54 -19.34
N LEU A 61 14.92 -21.52 -19.04
CA LEU A 61 14.25 -21.42 -17.75
C LEU A 61 12.73 -21.34 -17.87
N GLN A 62 12.19 -21.94 -18.91
CA GLN A 62 10.74 -21.90 -19.10
C GLN A 62 9.92 -22.53 -17.99
N GLU A 63 10.43 -23.61 -17.40
CA GLU A 63 9.69 -24.29 -16.34
C GLU A 63 9.87 -23.63 -14.99
N GLU A 64 11.05 -23.06 -14.78
CA GLU A 64 11.37 -22.38 -13.53
C GLU A 64 10.53 -21.09 -13.36
N PHE A 65 10.65 -20.18 -14.33
CA PHE A 65 9.89 -18.93 -14.30
C PHE A 65 8.38 -19.18 -14.26
N GLY A 66 7.88 -20.06 -15.11
CA GLY A 66 6.45 -20.34 -15.14
C GLY A 66 5.92 -20.98 -13.88
N TYR A 67 6.78 -21.68 -13.15
CA TYR A 67 6.37 -22.33 -11.91
C TYR A 67 6.01 -21.21 -10.92
N ASN A 68 6.85 -20.20 -10.90
CA ASN A 68 6.66 -19.06 -10.03
C ASN A 68 5.49 -18.20 -10.48
N ALA A 69 5.44 -17.92 -11.78
CA ALA A 69 4.37 -17.09 -12.34
C ALA A 69 3.03 -17.55 -11.83
N GLU A 70 2.76 -18.83 -11.97
CA GLU A 70 1.50 -19.38 -11.54
C GLU A 70 1.28 -19.29 -10.05
N THR A 71 2.34 -19.23 -9.27
CA THR A 71 2.17 -19.15 -7.81
C THR A 71 1.88 -17.72 -7.38
N GLN A 72 2.65 -16.79 -7.92
CA GLN A 72 2.46 -15.38 -7.61
C GLN A 72 1.09 -14.93 -8.14
N LYS A 73 0.48 -15.75 -8.98
CA LYS A 73 -0.83 -15.43 -9.55
C LYS A 73 -1.93 -16.04 -8.70
N LEU A 74 -1.61 -17.17 -8.08
CA LEU A 74 -2.58 -17.84 -7.23
C LEU A 74 -2.72 -17.02 -5.97
N LEU A 75 -1.58 -16.65 -5.38
CA LEU A 75 -1.58 -15.85 -4.16
C LEU A 75 -2.44 -14.61 -4.33
N CYS A 76 -2.07 -13.76 -5.28
CA CYS A 76 -2.79 -12.54 -5.55
C CYS A 76 -4.30 -12.73 -5.40
N LYS A 77 -4.87 -13.59 -6.24
CA LYS A 77 -6.29 -13.85 -6.21
C LYS A 77 -6.79 -14.19 -4.80
N ASN A 78 -6.04 -15.02 -4.08
CA ASN A 78 -6.41 -15.42 -2.72
C ASN A 78 -6.24 -14.28 -1.72
N GLY A 79 -5.34 -13.35 -2.06
CA GLY A 79 -5.09 -12.21 -1.21
C GLY A 79 -6.06 -11.08 -1.52
N GLU A 80 -7.11 -11.39 -2.27
CA GLU A 80 -8.11 -10.41 -2.59
C GLU A 80 -9.19 -10.73 -1.58
N THR A 81 -9.31 -12.02 -1.28
CA THR A 81 -10.30 -12.47 -0.33
C THR A 81 -9.85 -12.11 1.08
N LEU A 82 -8.54 -11.95 1.26
CA LEU A 82 -8.00 -11.59 2.56
C LEU A 82 -8.24 -10.11 2.79
N LEU A 83 -7.89 -9.31 1.81
CA LEU A 83 -8.06 -7.87 1.92
C LEU A 83 -9.51 -7.55 2.25
N GLY A 84 -10.43 -8.18 1.52
CA GLY A 84 -11.84 -7.93 1.77
C GLY A 84 -12.22 -8.25 3.19
N ALA A 85 -11.66 -9.32 3.72
CA ALA A 85 -11.96 -9.74 5.09
C ALA A 85 -11.44 -8.75 6.15
N VAL A 86 -10.23 -8.25 5.93
CA VAL A 86 -9.62 -7.30 6.85
C VAL A 86 -10.36 -5.95 6.81
N ASN A 87 -10.86 -5.57 5.64
CA ASN A 87 -11.61 -4.31 5.53
C ASN A 87 -12.87 -4.48 6.37
N PHE A 88 -13.47 -5.66 6.28
CA PHE A 88 -14.66 -5.94 7.03
C PHE A 88 -14.39 -5.85 8.52
N PHE A 89 -13.22 -6.34 8.91
CA PHE A 89 -12.79 -6.35 10.30
C PHE A 89 -12.63 -4.91 10.78
N VAL A 90 -11.90 -4.14 9.99
CA VAL A 90 -11.65 -2.76 10.32
C VAL A 90 -12.88 -1.87 10.43
N SER A 91 -13.80 -1.99 9.49
CA SER A 91 -14.99 -1.15 9.53
C SER A 91 -15.99 -1.57 10.63
N SER A 92 -16.07 -2.87 10.92
CA SER A 92 -16.98 -3.36 11.95
C SER A 92 -16.58 -2.82 13.32
N ILE A 93 -15.28 -2.95 13.62
CA ILE A 93 -14.73 -2.49 14.88
C ILE A 93 -14.68 -0.98 14.90
N ASN A 94 -14.71 -0.38 13.71
CA ASN A 94 -14.69 1.08 13.66
C ASN A 94 -16.07 1.58 14.08
N THR A 95 -17.12 0.88 13.69
CA THR A 95 -18.46 1.29 14.10
C THR A 95 -18.57 1.20 15.62
N LEU A 96 -18.04 0.11 16.17
CA LEU A 96 -18.09 -0.12 17.61
C LEU A 96 -17.37 0.96 18.42
N VAL A 97 -16.15 1.28 18.04
CA VAL A 97 -15.37 2.30 18.73
C VAL A 97 -15.93 3.69 18.47
N THR A 98 -15.97 4.07 17.21
CA THR A 98 -16.44 5.36 16.74
C THR A 98 -17.87 5.75 17.05
N LYS A 99 -18.80 4.79 16.99
CA LYS A 99 -20.19 5.11 17.23
C LYS A 99 -20.71 4.59 18.57
N THR A 100 -20.84 3.28 18.71
CA THR A 100 -21.36 2.70 19.94
C THR A 100 -20.59 3.08 21.22
N MET A 101 -19.25 3.03 21.20
CA MET A 101 -18.51 3.39 22.40
C MET A 101 -18.54 4.89 22.61
N GLU A 102 -18.60 5.64 21.51
CA GLU A 102 -18.64 7.08 21.65
C GLU A 102 -19.96 7.51 22.25
N ASP A 103 -21.05 6.83 21.90
CA ASP A 103 -22.32 7.21 22.47
C ASP A 103 -22.27 7.08 23.99
N THR A 104 -21.79 5.94 24.50
CA THR A 104 -21.69 5.76 25.95
C THR A 104 -20.76 6.80 26.60
N LEU A 105 -19.55 6.96 26.07
CA LEU A 105 -18.63 7.93 26.64
C LEU A 105 -19.26 9.33 26.68
N MET A 106 -20.15 9.60 25.74
CA MET A 106 -20.84 10.89 25.72
C MET A 106 -21.67 10.98 27.01
N THR A 107 -22.24 9.85 27.43
CA THR A 107 -23.02 9.84 28.64
C THR A 107 -22.09 9.77 29.87
N VAL A 108 -20.92 9.15 29.73
CA VAL A 108 -19.98 9.06 30.83
C VAL A 108 -19.43 10.43 31.18
N LYS A 109 -19.29 11.29 30.19
CA LYS A 109 -18.77 12.63 30.44
C LYS A 109 -19.80 13.52 31.14
N GLN A 110 -21.07 13.37 30.77
CA GLN A 110 -22.12 14.15 31.41
C GLN A 110 -22.21 13.80 32.88
N TYR A 111 -22.17 12.50 33.16
CA TYR A 111 -22.21 11.99 34.52
C TYR A 111 -21.00 12.50 35.32
N GLU A 112 -19.79 12.43 34.75
CA GLU A 112 -18.61 12.92 35.48
C GLU A 112 -18.73 14.40 35.79
N ALA A 113 -19.28 15.15 34.84
CA ALA A 113 -19.45 16.58 35.03
C ALA A 113 -20.40 16.85 36.20
N ALA A 114 -21.52 16.12 36.22
CA ALA A 114 -22.51 16.24 37.29
C ALA A 114 -21.90 15.84 38.62
N ARG A 115 -21.12 14.76 38.62
CA ARG A 115 -20.47 14.28 39.83
C ARG A 115 -19.52 15.36 40.37
N LEU A 116 -18.74 15.98 39.51
CA LEU A 116 -17.82 17.03 39.96
C LEU A 116 -18.58 18.29 40.42
N GLU A 117 -19.69 18.63 39.76
CA GLU A 117 -20.46 19.80 40.17
C GLU A 117 -21.07 19.58 41.56
N TYR A 118 -21.55 18.37 41.79
CA TYR A 118 -22.13 18.03 43.07
C TYR A 118 -21.09 18.13 44.17
N ASP A 119 -19.87 17.67 43.91
CA ASP A 119 -18.82 17.74 44.90
C ASP A 119 -18.48 19.20 45.22
N ALA A 120 -18.42 20.05 44.19
CA ALA A 120 -18.10 21.45 44.40
C ALA A 120 -19.24 22.13 45.17
N TYR A 121 -20.46 21.72 44.86
CA TYR A 121 -21.63 22.26 45.50
C TYR A 121 -21.65 21.89 46.98
N ARG A 122 -21.46 20.60 47.29
CA ARG A 122 -21.50 20.22 48.69
C ARG A 122 -20.30 20.77 49.46
N THR A 123 -19.20 21.06 48.76
CA THR A 123 -18.02 21.63 49.37
C THR A 123 -18.29 23.12 49.64
N ASP A 124 -18.96 23.79 48.71
CA ASP A 124 -19.29 25.19 48.89
C ASP A 124 -20.17 25.32 50.15
N LEU A 125 -21.10 24.39 50.29
CA LEU A 125 -22.01 24.39 51.43
C LEU A 125 -21.27 24.28 52.74
N GLU A 126 -20.26 23.41 52.79
CA GLU A 126 -19.46 23.22 54.00
C GLU A 126 -18.68 24.46 54.41
N GLU A 127 -17.96 25.06 53.48
CA GLU A 127 -17.17 26.24 53.80
C GLU A 127 -18.07 27.46 53.95
N LEU A 128 -19.38 27.25 53.88
CA LEU A 128 -20.33 28.35 54.02
C LEU A 128 -20.94 28.24 55.41
N SER A 129 -20.95 27.02 55.93
CA SER A 129 -21.47 26.76 57.27
C SER A 129 -20.48 27.40 58.24
N LEU A 130 -19.19 27.27 57.92
CA LEU A 130 -18.12 27.83 58.72
C LEU A 130 -18.12 29.36 58.57
N GLY A 131 -19.10 30.00 59.21
CA GLY A 131 -19.22 31.45 59.16
C GLY A 131 -20.27 31.97 60.13
N PRO A 132 -21.31 32.65 59.65
CA PRO A 132 -22.38 33.20 60.48
C PRO A 132 -23.27 32.10 61.06
N ARG A 133 -22.81 30.85 60.96
CA ARG A 133 -23.52 29.68 61.47
C ARG A 133 -24.68 29.24 60.58
N ASP A 134 -24.82 27.92 60.45
CA ASP A 134 -25.88 27.28 59.68
C ASP A 134 -25.54 25.81 59.48
N ALA A 135 -26.05 24.97 60.37
CA ALA A 135 -25.81 23.53 60.32
C ALA A 135 -27.12 22.77 60.45
N GLY A 136 -28.03 23.00 59.51
CA GLY A 136 -29.31 22.32 59.52
C GLY A 136 -29.37 21.13 58.58
N ASP A 153 -29.80 15.57 42.19
CA ASP A 153 -30.70 14.88 41.28
C ASP A 153 -30.06 14.59 39.92
N LYS A 154 -29.44 15.61 39.36
CA LYS A 154 -28.81 15.53 38.07
C LYS A 154 -27.74 14.44 38.11
N TYR A 155 -26.90 14.49 39.14
CA TYR A 155 -25.84 13.51 39.29
C TYR A 155 -26.41 12.10 39.39
N GLU A 156 -27.48 11.93 40.16
CA GLU A 156 -28.10 10.61 40.33
C GLU A 156 -28.80 10.06 39.11
N LYS A 157 -29.45 10.93 38.34
CA LYS A 157 -30.13 10.48 37.16
C LYS A 157 -29.05 10.01 36.16
N LEU A 158 -28.01 10.84 35.97
CA LEU A 158 -26.92 10.50 35.07
C LEU A 158 -26.22 9.23 35.53
N ARG A 159 -25.95 9.12 36.83
CA ARG A 159 -25.29 7.92 37.34
C ARG A 159 -26.04 6.67 36.90
N GLY A 160 -27.37 6.75 36.91
CA GLY A 160 -28.19 5.61 36.50
C GLY A 160 -28.16 5.43 35.00
N ASP A 161 -28.20 6.52 34.25
CA ASP A 161 -28.14 6.44 32.81
C ASP A 161 -26.82 5.77 32.33
N VAL A 162 -25.67 6.07 32.94
CA VAL A 162 -24.47 5.43 32.41
C VAL A 162 -24.37 3.97 32.76
N ALA A 163 -24.90 3.59 33.91
CA ALA A 163 -24.85 2.19 34.31
C ALA A 163 -25.58 1.31 33.27
N ILE A 164 -26.77 1.75 32.87
CA ILE A 164 -27.58 1.03 31.91
C ILE A 164 -26.80 0.91 30.60
N LYS A 165 -26.30 2.06 30.13
CA LYS A 165 -25.51 2.11 28.92
C LYS A 165 -24.24 1.28 28.99
N LEU A 166 -23.53 1.34 30.10
CA LEU A 166 -22.31 0.55 30.25
C LEU A 166 -22.63 -0.94 30.11
N LYS A 167 -23.82 -1.34 30.54
CA LYS A 167 -24.24 -2.73 30.48
C LYS A 167 -24.62 -3.13 29.05
N PHE A 168 -25.35 -2.25 28.37
CA PHE A 168 -25.77 -2.52 27.02
C PHE A 168 -24.53 -2.62 26.15
N LEU A 169 -23.59 -1.70 26.39
CA LEU A 169 -22.35 -1.64 25.64
C LEU A 169 -21.48 -2.87 25.82
N GLU A 170 -21.32 -3.32 27.05
CA GLU A 170 -20.50 -4.49 27.28
C GLU A 170 -21.08 -5.71 26.55
N GLU A 171 -22.41 -5.83 26.59
CA GLU A 171 -23.13 -6.93 25.94
C GLU A 171 -22.87 -6.92 24.46
N ASN A 172 -23.06 -5.75 23.86
CA ASN A 172 -22.84 -5.61 22.43
C ASN A 172 -21.35 -5.76 22.05
N LYS A 173 -20.44 -5.36 22.93
CA LYS A 173 -19.02 -5.45 22.66
C LYS A 173 -18.59 -6.92 22.53
N ILE A 174 -19.12 -7.77 23.41
CA ILE A 174 -18.79 -9.18 23.35
C ILE A 174 -19.23 -9.78 22.00
N LYS A 175 -20.48 -9.50 21.62
CA LYS A 175 -21.04 -10.00 20.38
C LYS A 175 -20.28 -9.56 19.14
N VAL A 176 -20.09 -8.26 18.99
CA VAL A 176 -19.36 -7.74 17.85
C VAL A 176 -17.94 -8.30 17.75
N MET A 177 -17.22 -8.28 18.87
CA MET A 177 -15.84 -8.75 18.87
C MET A 177 -15.72 -10.24 18.69
N HIS A 178 -16.65 -10.98 19.27
CA HIS A 178 -16.62 -12.42 19.09
C HIS A 178 -16.73 -12.75 17.61
N LYS A 179 -17.79 -12.25 16.99
CA LYS A 179 -18.01 -12.48 15.58
C LYS A 179 -16.81 -12.02 14.74
N GLN A 180 -16.33 -10.81 15.01
CA GLN A 180 -15.20 -10.29 14.24
C GLN A 180 -13.89 -11.02 14.50
N LEU A 181 -13.66 -11.49 15.73
CA LEU A 181 -12.42 -12.17 15.99
C LEU A 181 -12.47 -13.56 15.33
N LEU A 182 -13.65 -14.17 15.33
CA LEU A 182 -13.84 -15.47 14.70
C LEU A 182 -13.61 -15.37 13.19
N LEU A 183 -14.28 -14.43 12.53
CA LEU A 183 -14.14 -14.26 11.08
C LEU A 183 -12.78 -13.78 10.64
N PHE A 184 -12.16 -12.92 11.42
CA PHE A 184 -10.85 -12.42 11.04
C PHE A 184 -9.85 -13.58 11.08
N HIS A 185 -9.92 -14.37 12.13
CA HIS A 185 -9.01 -15.50 12.27
C HIS A 185 -9.21 -16.46 11.10
N ASN A 186 -10.46 -16.83 10.86
CA ASN A 186 -10.78 -17.74 9.77
C ASN A 186 -10.28 -17.22 8.42
N ALA A 187 -10.56 -15.96 8.13
CA ALA A 187 -10.12 -15.38 6.86
C ALA A 187 -8.60 -15.44 6.76
N VAL A 188 -7.92 -15.10 7.85
CA VAL A 188 -6.47 -15.12 7.90
C VAL A 188 -5.88 -16.52 7.69
N SER A 189 -6.59 -17.56 8.14
CA SER A 189 -6.08 -18.91 7.98
C SER A 189 -6.57 -19.57 6.68
N ALA A 190 -7.73 -19.14 6.19
CA ALA A 190 -8.27 -19.69 4.95
C ALA A 190 -7.36 -19.17 3.84
N TYR A 191 -6.45 -18.29 4.20
CA TYR A 191 -5.52 -17.73 3.25
C TYR A 191 -4.29 -18.62 3.29
N PHE A 192 -4.53 -19.90 3.57
CA PHE A 192 -3.45 -20.88 3.64
C PHE A 192 -3.97 -22.24 3.21
N ALA A 193 -5.20 -22.55 3.62
CA ALA A 193 -5.85 -23.83 3.29
C ALA A 193 -6.01 -23.99 1.78
N GLY A 194 -6.88 -23.17 1.20
CA GLY A 194 -7.10 -23.24 -0.23
C GLY A 194 -5.89 -22.67 -0.95
N ASN A 195 -4.91 -22.23 -0.15
CA ASN A 195 -3.69 -21.66 -0.70
C ASN A 195 -2.60 -22.73 -0.75
N GLN A 196 -2.87 -23.87 -0.12
CA GLN A 196 -1.92 -24.96 -0.08
C GLN A 196 -2.27 -26.08 -1.06
N LYS A 197 -3.54 -26.49 -1.04
CA LYS A 197 -4.02 -27.55 -1.91
C LYS A 197 -3.67 -27.33 -3.39
N GLN A 198 -3.23 -26.12 -3.73
CA GLN A 198 -2.90 -25.80 -5.11
C GLN A 198 -1.66 -24.92 -5.27
N LEU A 199 -1.08 -24.49 -4.16
CA LEU A 199 0.12 -23.63 -4.18
C LEU A 199 1.23 -24.21 -5.04
N GLU A 200 1.20 -25.53 -5.22
CA GLU A 200 2.19 -26.23 -6.03
C GLU A 200 1.50 -27.39 -6.76
N GLN A 201 0.20 -27.22 -7.01
CA GLN A 201 -0.58 -28.24 -7.72
C GLN A 201 -0.93 -27.79 -9.13
N THR A 202 -0.65 -26.54 -9.44
CA THR A 202 -0.94 -25.98 -10.77
C THR A 202 -0.19 -26.74 -11.88
N ASP B 6 29.99 -6.98 -37.16
CA ASP B 6 29.62 -8.40 -36.99
C ASP B 6 28.31 -8.69 -36.22
N LEU B 7 27.35 -9.29 -36.92
CA LEU B 7 26.04 -9.63 -36.37
C LEU B 7 26.01 -10.51 -35.12
N GLU B 8 26.68 -11.66 -35.18
CA GLU B 8 26.71 -12.58 -34.05
C GLU B 8 26.72 -11.86 -32.71
N LEU B 9 27.87 -11.28 -32.33
CA LEU B 9 28.00 -10.56 -31.06
C LEU B 9 26.88 -9.54 -30.83
N GLU B 10 26.68 -8.63 -31.77
CA GLU B 10 25.63 -7.63 -31.63
C GLU B 10 24.28 -8.19 -32.09
N LEU B 11 23.79 -9.13 -31.29
CA LEU B 11 22.52 -9.83 -31.48
C LEU B 11 22.53 -10.63 -30.20
N GLN B 12 23.75 -10.86 -29.72
CA GLN B 12 24.04 -11.59 -28.52
C GLN B 12 24.11 -10.57 -27.38
N ILE B 13 24.56 -9.36 -27.72
CA ILE B 13 24.68 -8.27 -26.77
C ILE B 13 23.30 -7.64 -26.56
N GLU B 14 22.67 -7.25 -27.66
CA GLU B 14 21.34 -6.63 -27.64
C GLU B 14 20.35 -7.47 -26.85
N LEU B 15 20.67 -8.75 -26.69
CA LEU B 15 19.81 -9.65 -25.95
C LEU B 15 20.28 -9.69 -24.50
N LEU B 16 21.58 -9.45 -24.31
CA LEU B 16 22.17 -9.44 -22.98
C LEU B 16 21.78 -8.18 -22.23
N ARG B 17 21.17 -7.23 -22.95
CA ARG B 17 20.72 -5.99 -22.35
C ARG B 17 19.23 -6.10 -22.06
N GLU B 18 18.47 -6.52 -23.06
CA GLU B 18 17.03 -6.71 -22.88
C GLU B 18 16.87 -7.59 -21.66
N THR B 19 17.81 -8.52 -21.48
CA THR B 19 17.80 -9.43 -20.35
C THR B 19 18.28 -8.73 -19.08
N LYS B 20 19.26 -7.86 -19.18
CA LYS B 20 19.72 -7.16 -17.99
C LYS B 20 18.60 -6.24 -17.53
N ARG B 21 17.77 -5.82 -18.48
CA ARG B 21 16.65 -4.94 -18.19
C ARG B 21 15.54 -5.69 -17.45
N LYS B 22 14.96 -6.69 -18.10
CA LYS B 22 13.89 -7.47 -17.48
C LYS B 22 14.26 -7.94 -16.09
N TYR B 23 15.51 -8.37 -15.92
CA TYR B 23 15.98 -8.84 -14.62
C TYR B 23 16.06 -7.69 -13.63
N GLU B 24 15.96 -6.48 -14.15
CA GLU B 24 15.99 -5.29 -13.31
C GLU B 24 14.54 -5.08 -12.92
N SER B 25 13.66 -5.10 -13.92
CA SER B 25 12.22 -4.95 -13.69
C SER B 25 11.78 -6.01 -12.69
N VAL B 26 12.49 -7.15 -12.67
CA VAL B 26 12.17 -8.20 -11.73
C VAL B 26 12.79 -7.81 -10.41
N LEU B 27 14.01 -7.29 -10.48
CA LEU B 27 14.72 -6.88 -9.28
C LEU B 27 13.95 -5.75 -8.60
N GLN B 28 13.20 -4.97 -9.36
CA GLN B 28 12.41 -3.90 -8.77
C GLN B 28 11.30 -4.54 -7.97
N LEU B 29 10.40 -5.20 -8.67
CA LEU B 29 9.30 -5.90 -8.03
C LEU B 29 9.85 -6.75 -6.87
N GLY B 30 11.16 -6.97 -6.89
CA GLY B 30 11.79 -7.75 -5.85
C GLY B 30 11.97 -7.04 -4.53
N ARG B 31 12.57 -5.86 -4.57
CA ARG B 31 12.78 -5.08 -3.34
C ARG B 31 11.40 -4.63 -2.85
N ALA B 32 10.49 -4.42 -3.78
CA ALA B 32 9.15 -4.03 -3.42
C ALA B 32 8.59 -5.13 -2.54
N LEU B 33 8.63 -6.36 -3.06
CA LEU B 33 8.12 -7.52 -2.34
C LEU B 33 8.76 -7.57 -0.98
N THR B 34 10.06 -7.23 -0.93
CA THR B 34 10.79 -7.23 0.31
C THR B 34 10.13 -6.19 1.21
N ALA B 35 10.06 -4.96 0.70
CA ALA B 35 9.46 -3.83 1.40
C ALA B 35 8.11 -4.17 2.01
N HIS B 36 7.13 -4.39 1.15
CA HIS B 36 5.81 -4.70 1.63
C HIS B 36 5.80 -5.87 2.61
N LEU B 37 6.64 -6.87 2.38
CA LEU B 37 6.68 -8.03 3.26
C LEU B 37 7.18 -7.66 4.64
N TYR B 38 8.21 -6.83 4.68
CA TYR B 38 8.81 -6.38 5.92
C TYR B 38 7.75 -5.66 6.77
N SER B 39 7.09 -4.68 6.15
CA SER B 39 6.06 -3.91 6.82
C SER B 39 5.01 -4.85 7.40
N LEU B 40 4.43 -5.67 6.54
CA LEU B 40 3.40 -6.60 6.97
C LEU B 40 3.82 -7.39 8.21
N LEU B 41 5.10 -7.68 8.33
CA LEU B 41 5.55 -8.44 9.49
C LEU B 41 5.52 -7.59 10.74
N GLN B 42 5.95 -6.34 10.60
CA GLN B 42 5.96 -5.38 11.72
C GLN B 42 4.55 -5.27 12.28
N THR B 43 3.59 -5.20 11.39
CA THR B 43 2.19 -5.08 11.72
C THR B 43 1.66 -6.32 12.43
N GLN B 44 2.01 -7.49 11.91
CA GLN B 44 1.55 -8.72 12.51
C GLN B 44 2.19 -8.91 13.89
N HIS B 45 3.43 -8.44 14.04
CA HIS B 45 4.12 -8.56 15.33
C HIS B 45 3.39 -7.70 16.37
N ALA B 46 3.15 -6.44 16.00
CA ALA B 46 2.45 -5.50 16.85
C ALA B 46 1.02 -5.95 17.13
N LEU B 47 0.40 -6.57 16.14
CA LEU B 47 -0.97 -7.02 16.26
C LEU B 47 -1.09 -8.23 17.19
N GLY B 48 -0.05 -9.06 17.19
CA GLY B 48 -0.06 -10.23 18.05
C GLY B 48 0.13 -9.84 19.49
N ASP B 49 0.94 -8.81 19.72
CA ASP B 49 1.15 -8.32 21.08
C ASP B 49 -0.13 -7.62 21.54
N ALA B 50 -0.73 -6.82 20.67
CA ALA B 50 -1.96 -6.13 21.01
C ALA B 50 -3.05 -7.18 21.34
N PHE B 51 -3.08 -8.28 20.60
CA PHE B 51 -4.08 -9.32 20.87
C PHE B 51 -3.75 -10.13 22.13
N ALA B 52 -2.47 -10.41 22.36
CA ALA B 52 -2.07 -11.16 23.55
C ALA B 52 -2.49 -10.35 24.78
N ASP B 53 -2.21 -9.07 24.74
CA ASP B 53 -2.55 -8.18 25.82
C ASP B 53 -4.06 -8.15 26.09
N LEU B 54 -4.86 -7.94 25.04
CA LEU B 54 -6.30 -7.90 25.18
C LEU B 54 -6.79 -9.22 25.73
N SER B 55 -6.12 -10.31 25.35
CA SER B 55 -6.51 -11.62 25.82
C SER B 55 -6.38 -11.71 27.33
N GLN B 56 -5.29 -11.19 27.87
CA GLN B 56 -5.06 -11.20 29.31
C GLN B 56 -6.03 -10.30 30.07
N LYS B 57 -6.42 -9.19 29.46
CA LYS B 57 -7.32 -8.25 30.09
C LYS B 57 -8.81 -8.48 29.85
N SER B 58 -9.16 -9.07 28.71
CA SER B 58 -10.57 -9.30 28.41
C SER B 58 -11.04 -10.73 28.61
N PRO B 59 -11.26 -11.14 29.87
CA PRO B 59 -11.72 -12.51 30.07
C PRO B 59 -12.97 -12.89 29.26
N GLU B 60 -13.80 -11.91 28.90
CA GLU B 60 -15.00 -12.20 28.11
C GLU B 60 -14.65 -12.62 26.68
N LEU B 61 -13.48 -12.19 26.22
CA LEU B 61 -13.02 -12.48 24.87
C LEU B 61 -11.60 -13.01 24.93
N GLN B 62 -11.32 -13.80 25.96
CA GLN B 62 -9.99 -14.34 26.16
C GLN B 62 -9.50 -15.29 25.09
N GLU B 63 -10.36 -16.23 24.69
CA GLU B 63 -10.01 -17.22 23.67
C GLU B 63 -9.85 -16.57 22.31
N GLU B 64 -10.84 -15.80 21.90
CA GLU B 64 -10.84 -15.11 20.62
C GLU B 64 -9.60 -14.25 20.45
N PHE B 65 -9.23 -13.49 21.47
CA PHE B 65 -8.02 -12.69 21.36
C PHE B 65 -6.82 -13.63 21.45
N GLY B 66 -7.00 -14.72 22.19
CA GLY B 66 -5.95 -15.71 22.35
C GLY B 66 -5.53 -16.42 21.08
N TYR B 67 -6.47 -17.06 20.39
CA TYR B 67 -6.05 -17.75 19.17
C TYR B 67 -5.62 -16.77 18.10
N ASN B 68 -6.12 -15.54 18.15
CA ASN B 68 -5.71 -14.56 17.16
C ASN B 68 -4.27 -14.09 17.34
N ALA B 69 -3.82 -14.01 18.60
CA ALA B 69 -2.45 -13.58 18.88
C ALA B 69 -1.45 -14.67 18.50
N GLU B 70 -1.73 -15.91 18.90
CA GLU B 70 -0.85 -17.03 18.57
C GLU B 70 -0.68 -17.08 17.04
N THR B 71 -1.80 -17.07 16.32
CA THR B 71 -1.74 -17.13 14.88
C THR B 71 -0.83 -16.04 14.34
N GLN B 72 -1.12 -14.80 14.70
CA GLN B 72 -0.33 -13.71 14.20
C GLN B 72 1.14 -13.90 14.58
N LYS B 73 1.39 -14.47 15.75
CA LYS B 73 2.77 -14.68 16.19
C LYS B 73 3.49 -15.75 15.38
N LEU B 74 2.78 -16.82 15.05
CA LEU B 74 3.34 -17.88 14.26
C LEU B 74 3.62 -17.33 12.86
N LEU B 75 2.65 -16.61 12.31
CA LEU B 75 2.76 -16.01 10.99
C LEU B 75 3.99 -15.10 10.89
N CYS B 76 4.23 -14.35 11.95
CA CYS B 76 5.35 -13.42 11.99
C CYS B 76 6.66 -14.21 11.97
N LYS B 77 6.72 -15.25 12.80
CA LYS B 77 7.89 -16.10 12.88
C LYS B 77 8.22 -16.71 11.51
N ASN B 78 7.23 -17.33 10.88
CA ASN B 78 7.44 -17.93 9.58
C ASN B 78 7.80 -16.86 8.56
N GLY B 79 7.14 -15.71 8.64
CA GLY B 79 7.42 -14.63 7.70
C GLY B 79 8.86 -14.20 7.71
N GLU B 80 9.53 -14.41 8.84
CA GLU B 80 10.93 -14.05 8.96
C GLU B 80 11.75 -14.86 7.98
N THR B 81 11.58 -16.18 8.02
CA THR B 81 12.29 -17.07 7.12
C THR B 81 12.02 -16.67 5.68
N LEU B 82 10.74 -16.56 5.33
CA LEU B 82 10.37 -16.17 3.97
C LEU B 82 11.10 -14.92 3.54
N LEU B 83 11.14 -13.94 4.43
CA LEU B 83 11.79 -12.67 4.14
C LEU B 83 13.25 -12.96 3.86
N GLY B 84 13.86 -13.77 4.73
CA GLY B 84 15.26 -14.12 4.53
C GLY B 84 15.41 -14.56 3.09
N ALA B 85 14.66 -15.60 2.73
CA ALA B 85 14.67 -16.13 1.37
C ALA B 85 14.53 -15.05 0.32
N VAL B 86 13.42 -14.32 0.34
CA VAL B 86 13.19 -13.27 -0.65
C VAL B 86 14.41 -12.37 -0.75
N ASN B 87 15.03 -12.08 0.39
CA ASN B 87 16.21 -11.24 0.38
C ASN B 87 17.35 -11.92 -0.34
N PHE B 88 17.62 -13.17 0.04
CA PHE B 88 18.68 -13.94 -0.60
C PHE B 88 18.40 -13.96 -2.10
N PHE B 89 17.14 -14.09 -2.47
CA PHE B 89 16.77 -14.11 -3.86
C PHE B 89 17.31 -12.82 -4.45
N VAL B 90 16.49 -11.78 -4.37
CA VAL B 90 16.83 -10.46 -4.89
C VAL B 90 18.32 -10.13 -4.76
N SER B 91 18.90 -10.43 -3.61
CA SER B 91 20.32 -10.20 -3.38
C SER B 91 21.12 -10.88 -4.48
N SER B 92 21.04 -12.21 -4.53
CA SER B 92 21.75 -12.97 -5.55
C SER B 92 21.42 -12.47 -6.97
N ILE B 93 20.14 -12.33 -7.29
CA ILE B 93 19.76 -11.83 -8.61
C ILE B 93 20.46 -10.51 -8.87
N ASN B 94 20.79 -9.82 -7.78
CA ASN B 94 21.46 -8.54 -7.88
C ASN B 94 22.91 -8.80 -8.28
N THR B 95 23.59 -9.66 -7.54
CA THR B 95 24.98 -10.00 -7.84
C THR B 95 25.13 -10.36 -9.32
N LEU B 96 24.14 -11.06 -9.86
CA LEU B 96 24.18 -11.47 -11.26
C LEU B 96 23.94 -10.31 -12.20
N VAL B 97 23.52 -9.17 -11.67
CA VAL B 97 23.25 -8.00 -12.53
C VAL B 97 24.21 -6.84 -12.30
N THR B 98 24.47 -6.54 -11.03
CA THR B 98 25.36 -5.44 -10.65
C THR B 98 26.84 -5.72 -10.89
N LYS B 99 27.22 -7.00 -10.85
CA LYS B 99 28.62 -7.35 -11.04
C LYS B 99 28.89 -8.27 -12.22
N THR B 100 28.62 -9.56 -12.03
CA THR B 100 28.84 -10.55 -13.08
C THR B 100 28.39 -10.07 -14.47
N MET B 101 27.15 -9.59 -14.58
CA MET B 101 26.68 -9.10 -15.88
C MET B 101 27.43 -7.85 -16.31
N GLU B 102 27.74 -6.98 -15.37
CA GLU B 102 28.46 -5.75 -15.70
C GLU B 102 29.82 -6.16 -16.26
N ASP B 103 30.59 -6.92 -15.48
CA ASP B 103 31.90 -7.39 -15.90
C ASP B 103 31.88 -7.77 -17.39
N THR B 104 30.74 -8.29 -17.84
CA THR B 104 30.57 -8.68 -19.22
C THR B 104 30.14 -7.47 -20.04
N LEU B 105 29.19 -6.72 -19.52
CA LEU B 105 28.68 -5.54 -20.21
C LEU B 105 29.74 -4.43 -20.32
N MET B 106 30.79 -4.56 -19.52
CA MET B 106 31.88 -3.58 -19.54
C MET B 106 32.88 -3.94 -20.64
N THR B 107 33.27 -5.20 -20.70
CA THR B 107 34.22 -5.65 -21.71
C THR B 107 33.62 -5.43 -23.09
N VAL B 108 32.30 -5.22 -23.13
CA VAL B 108 31.60 -4.97 -24.38
C VAL B 108 31.88 -3.51 -24.74
N LYS B 109 31.88 -2.65 -23.72
CA LYS B 109 32.15 -1.24 -23.91
C LYS B 109 33.56 -1.10 -24.48
N GLN B 110 34.48 -1.92 -23.96
CA GLN B 110 35.86 -1.90 -24.45
C GLN B 110 35.84 -2.41 -25.88
N TYR B 111 34.94 -3.35 -26.16
CA TYR B 111 34.79 -3.91 -27.49
C TYR B 111 34.18 -2.84 -28.40
N GLU B 112 33.18 -2.13 -27.90
CA GLU B 112 32.51 -1.10 -28.67
C GLU B 112 33.43 0.09 -28.93
N ALA B 113 34.35 0.35 -28.01
CA ALA B 113 35.31 1.44 -28.14
C ALA B 113 36.03 1.20 -29.47
N ALA B 114 36.72 0.08 -29.55
CA ALA B 114 37.44 -0.32 -30.76
C ALA B 114 36.48 -1.20 -31.57
N ARG B 115 35.33 -0.62 -31.95
CA ARG B 115 34.32 -1.37 -32.69
C ARG B 115 33.87 -0.69 -33.99
N LEU B 116 33.33 0.51 -33.87
CA LEU B 116 32.86 1.26 -35.04
C LEU B 116 34.01 2.09 -35.59
N GLU B 117 35.12 2.11 -34.86
CA GLU B 117 36.29 2.87 -35.27
C GLU B 117 37.03 2.14 -36.39
N TYR B 118 36.74 0.84 -36.53
CA TYR B 118 37.34 0.02 -37.57
C TYR B 118 36.38 0.06 -38.76
N ASP B 119 35.09 0.12 -38.46
CA ASP B 119 34.06 0.18 -39.50
C ASP B 119 33.95 1.60 -40.04
N ALA B 120 34.43 2.56 -39.25
CA ALA B 120 34.40 3.96 -39.65
C ALA B 120 35.65 4.27 -40.46
N TYR B 121 36.82 3.97 -39.89
CA TYR B 121 38.11 4.21 -40.54
C TYR B 121 38.22 3.50 -41.90
N ARG B 122 37.27 2.60 -42.17
CA ARG B 122 37.24 1.87 -43.44
C ARG B 122 36.59 2.76 -44.48
N THR B 123 35.36 3.18 -44.20
CA THR B 123 34.61 4.05 -45.10
C THR B 123 35.23 5.46 -45.09
N ASP B 124 35.82 5.83 -43.96
CA ASP B 124 36.46 7.14 -43.81
C ASP B 124 37.68 7.28 -44.70
N LEU B 125 38.71 6.48 -44.42
CA LEU B 125 39.95 6.52 -45.19
C LEU B 125 39.74 5.78 -46.52
N GLU B 126 38.47 5.64 -46.91
CA GLU B 126 38.09 4.99 -48.16
C GLU B 126 38.15 6.04 -49.27
N GLU B 127 37.62 7.23 -48.97
CA GLU B 127 37.63 8.33 -49.92
C GLU B 127 39.06 8.60 -50.36
N LEU B 128 39.97 8.56 -49.39
CA LEU B 128 41.39 8.81 -49.63
C LEU B 128 42.08 7.57 -50.21
N SER B 129 42.10 7.47 -51.54
CA SER B 129 42.72 6.36 -52.24
C SER B 129 42.49 6.44 -53.75
N LEU B 130 43.57 6.34 -54.51
CA LEU B 130 43.54 6.38 -55.98
C LEU B 130 42.97 7.68 -56.57
N GLY B 131 43.85 8.64 -56.82
CA GLY B 131 43.43 9.92 -57.39
C GLY B 131 44.04 10.17 -58.76
N PRO B 132 45.16 10.93 -58.83
CA PRO B 132 45.84 11.24 -60.09
C PRO B 132 46.17 10.01 -60.92
N ARG B 152 47.75 -2.29 -33.92
CA ARG B 152 46.58 -2.17 -34.77
C ARG B 152 46.12 -3.54 -35.26
N ASP B 153 45.62 -4.37 -34.36
CA ASP B 153 45.16 -5.71 -34.73
C ASP B 153 44.52 -6.46 -33.56
N LYS B 154 44.57 -5.87 -32.38
CA LYS B 154 43.98 -6.51 -31.20
C LYS B 154 42.50 -6.15 -31.07
N TYR B 155 41.92 -5.71 -32.18
CA TYR B 155 40.51 -5.36 -32.24
C TYR B 155 39.72 -6.65 -31.94
N GLU B 156 40.28 -7.77 -32.37
CA GLU B 156 39.67 -9.07 -32.16
C GLU B 156 39.99 -9.59 -30.76
N LYS B 157 41.12 -9.16 -30.20
CA LYS B 157 41.49 -9.62 -28.87
C LYS B 157 40.32 -9.36 -27.93
N LEU B 158 39.69 -8.20 -28.09
CA LEU B 158 38.52 -7.85 -27.29
C LEU B 158 37.37 -8.75 -27.72
N ARG B 159 37.34 -9.06 -29.01
CA ARG B 159 36.30 -9.92 -29.56
C ARG B 159 36.31 -11.26 -28.82
N GLY B 160 37.50 -11.66 -28.36
CA GLY B 160 37.61 -12.91 -27.62
C GLY B 160 36.98 -12.67 -26.25
N ASP B 161 37.41 -11.60 -25.60
CA ASP B 161 36.88 -11.23 -24.29
C ASP B 161 35.56 -10.50 -24.52
N VAL B 162 34.60 -11.18 -25.13
CA VAL B 162 33.30 -10.57 -25.38
C VAL B 162 32.42 -11.62 -26.02
N ALA B 163 33.05 -12.72 -26.42
CA ALA B 163 32.37 -13.84 -27.02
C ALA B 163 32.65 -14.96 -26.03
N ILE B 164 33.90 -15.03 -25.59
CA ILE B 164 34.33 -16.03 -24.62
C ILE B 164 33.95 -15.47 -23.26
N LYS B 165 33.74 -14.15 -23.23
CA LYS B 165 33.34 -13.47 -22.02
C LYS B 165 31.82 -13.51 -21.99
N LEU B 166 31.23 -13.25 -23.15
CA LEU B 166 29.78 -13.22 -23.31
C LEU B 166 29.15 -14.53 -22.84
N LYS B 167 28.93 -15.45 -23.77
CA LYS B 167 28.33 -16.74 -23.46
C LYS B 167 29.31 -17.63 -22.67
N PHE B 168 29.56 -17.20 -21.44
CA PHE B 168 30.43 -17.87 -20.48
C PHE B 168 29.73 -17.38 -19.24
N LEU B 169 28.80 -16.47 -19.51
CA LEU B 169 27.97 -15.84 -18.50
C LEU B 169 26.59 -16.46 -18.63
N GLU B 170 26.20 -16.77 -19.87
CA GLU B 170 24.92 -17.39 -20.13
C GLU B 170 24.82 -18.68 -19.31
N GLU B 171 25.93 -19.41 -19.21
CA GLU B 171 25.91 -20.64 -18.42
C GLU B 171 25.67 -20.20 -16.99
N ASN B 172 26.32 -19.11 -16.61
CA ASN B 172 26.19 -18.56 -15.26
C ASN B 172 24.78 -18.11 -14.97
N LYS B 173 24.12 -17.52 -15.95
CA LYS B 173 22.75 -17.08 -15.78
C LYS B 173 21.96 -18.32 -15.39
N ILE B 174 21.96 -19.31 -16.30
CA ILE B 174 21.25 -20.56 -16.08
C ILE B 174 21.54 -21.13 -14.70
N LYS B 175 22.82 -21.27 -14.35
CA LYS B 175 23.19 -21.84 -13.06
C LYS B 175 22.56 -21.11 -11.88
N VAL B 176 22.56 -19.78 -11.95
CA VAL B 176 22.00 -18.97 -10.87
C VAL B 176 20.47 -18.95 -10.88
N MET B 177 19.88 -18.44 -11.96
CA MET B 177 18.44 -18.38 -12.03
C MET B 177 17.77 -19.71 -11.71
N HIS B 178 18.36 -20.81 -12.16
CA HIS B 178 17.76 -22.11 -11.88
C HIS B 178 17.66 -22.30 -10.37
N LYS B 179 18.81 -22.18 -9.70
CA LYS B 179 18.87 -22.36 -8.27
C LYS B 179 18.02 -21.32 -7.52
N GLN B 180 18.24 -20.05 -7.85
CA GLN B 180 17.52 -18.97 -7.22
C GLN B 180 16.01 -19.13 -7.41
N LEU B 181 15.58 -19.37 -8.63
CA LEU B 181 14.16 -19.53 -8.90
C LEU B 181 13.54 -20.70 -8.12
N LEU B 182 14.35 -21.69 -7.78
CA LEU B 182 13.86 -22.86 -7.07
C LEU B 182 13.79 -22.61 -5.56
N LEU B 183 14.80 -21.93 -5.03
CA LEU B 183 14.83 -21.64 -3.61
C LEU B 183 13.64 -20.75 -3.30
N PHE B 184 13.49 -19.69 -4.10
CA PHE B 184 12.42 -18.72 -3.97
C PHE B 184 11.09 -19.44 -3.90
N HIS B 185 10.75 -20.17 -4.96
CA HIS B 185 9.49 -20.89 -5.01
C HIS B 185 9.34 -21.82 -3.83
N ASN B 186 10.38 -22.56 -3.50
CA ASN B 186 10.28 -23.47 -2.37
C ASN B 186 10.00 -22.69 -1.13
N ALA B 187 10.69 -21.58 -0.98
CA ALA B 187 10.53 -20.72 0.18
C ALA B 187 9.07 -20.30 0.30
N VAL B 188 8.52 -19.69 -0.76
CA VAL B 188 7.12 -19.27 -0.73
C VAL B 188 6.23 -20.45 -0.37
N SER B 189 6.43 -21.57 -1.04
CA SER B 189 5.63 -22.75 -0.77
C SER B 189 5.76 -23.10 0.72
N ALA B 190 6.98 -23.36 1.16
CA ALA B 190 7.29 -23.71 2.54
C ALA B 190 6.55 -22.79 3.50
N TYR B 191 6.47 -21.52 3.11
CA TYR B 191 5.80 -20.52 3.91
C TYR B 191 4.42 -21.02 4.29
N PHE B 192 3.58 -21.23 3.28
CA PHE B 192 2.21 -21.69 3.51
C PHE B 192 2.05 -23.04 4.17
N ALA B 193 3.00 -23.94 3.88
CA ALA B 193 2.97 -25.27 4.46
C ALA B 193 3.30 -25.12 5.95
N GLY B 194 4.42 -24.46 6.25
CA GLY B 194 4.81 -24.25 7.63
C GLY B 194 3.69 -23.59 8.38
N ASN B 195 3.00 -22.66 7.71
CA ASN B 195 1.89 -21.96 8.33
C ASN B 195 0.74 -22.91 8.57
N GLN B 196 0.23 -23.49 7.48
CA GLN B 196 -0.89 -24.40 7.57
C GLN B 196 -0.69 -25.54 8.58
N LYS B 197 0.56 -25.98 8.74
CA LYS B 197 0.85 -27.07 9.67
C LYS B 197 0.62 -26.66 11.11
N GLN B 198 1.51 -25.83 11.62
CA GLN B 198 1.46 -25.33 12.99
C GLN B 198 0.11 -24.66 13.28
N LEU B 199 -0.52 -24.15 12.23
CA LEU B 199 -1.82 -23.49 12.33
C LEU B 199 -2.88 -24.50 12.73
N GLU B 200 -2.59 -25.77 12.48
CA GLU B 200 -3.49 -26.85 12.82
C GLU B 200 -3.00 -27.55 14.09
N GLN B 201 -2.01 -26.94 14.73
CA GLN B 201 -1.46 -27.47 15.97
C GLN B 201 -2.12 -26.78 17.15
N THR B 202 -3.45 -26.64 17.06
CA THR B 202 -4.23 -25.99 18.10
C THR B 202 -5.61 -26.65 18.19
N GLN C 2 -7.50 12.21 13.81
CA GLN C 2 -8.58 11.47 13.15
C GLN C 2 -8.01 10.76 11.91
N ALA C 3 -8.67 9.70 11.49
CA ALA C 3 -8.22 8.92 10.34
C ALA C 3 -9.10 9.07 9.11
N ILE C 4 -8.52 9.67 8.07
CA ILE C 4 -9.24 9.86 6.81
C ILE C 4 -8.52 9.05 5.74
N LYS C 5 -9.28 8.29 4.97
CA LYS C 5 -8.71 7.49 3.90
C LYS C 5 -8.99 8.14 2.55
N CYS C 6 -7.93 8.56 1.87
CA CYS C 6 -8.06 9.18 0.57
C CYS C 6 -7.42 8.33 -0.54
N VAL C 7 -8.23 7.92 -1.50
CA VAL C 7 -7.77 7.11 -2.62
C VAL C 7 -7.57 7.98 -3.84
N VAL C 8 -6.42 7.83 -4.49
CA VAL C 8 -6.13 8.59 -5.69
C VAL C 8 -6.31 7.64 -6.87
N VAL C 9 -7.26 7.96 -7.73
CA VAL C 9 -7.56 7.15 -8.91
C VAL C 9 -7.40 7.98 -10.17
N GLY C 10 -7.43 7.34 -11.33
CA GLY C 10 -7.29 8.08 -12.58
C GLY C 10 -6.35 7.43 -13.58
N ASP C 11 -6.68 7.62 -14.86
CA ASP C 11 -5.89 7.07 -15.96
C ASP C 11 -4.41 7.06 -15.63
N GLY C 12 -3.73 5.98 -15.99
CA GLY C 12 -2.31 5.92 -15.72
C GLY C 12 -1.64 7.04 -16.49
N ALA C 13 -0.44 7.40 -16.09
CA ALA C 13 0.32 8.46 -16.73
C ALA C 13 -0.11 9.86 -16.30
N VAL C 14 -1.20 9.95 -15.53
CA VAL C 14 -1.68 11.25 -15.06
C VAL C 14 -0.75 11.84 -14.00
N GLY C 15 -0.14 10.98 -13.20
CA GLY C 15 0.76 11.46 -12.17
C GLY C 15 0.27 11.25 -10.76
N LYS C 16 -0.57 10.23 -10.55
CA LYS C 16 -1.10 9.92 -9.24
C LYS C 16 0.03 9.57 -8.27
N THR C 17 1.00 8.81 -8.75
CA THR C 17 2.12 8.40 -7.93
C THR C 17 3.03 9.60 -7.62
N CYS C 18 3.37 10.40 -8.64
CA CYS C 18 4.20 11.58 -8.44
C CYS C 18 3.47 12.62 -7.58
N LEU C 19 2.15 12.61 -7.66
CA LEU C 19 1.31 13.54 -6.91
C LEU C 19 1.46 13.29 -5.42
N LEU C 20 1.53 12.01 -5.06
CA LEU C 20 1.63 11.58 -3.68
C LEU C 20 3.05 11.58 -3.11
N ILE C 21 4.05 11.35 -3.94
CA ILE C 21 5.43 11.34 -3.46
C ILE C 21 5.89 12.78 -3.25
N SER C 22 5.53 13.64 -4.21
CA SER C 22 5.89 15.04 -4.13
C SER C 22 5.25 15.65 -2.89
N TYR C 23 3.97 15.34 -2.67
CA TYR C 23 3.25 15.85 -1.52
C TYR C 23 3.84 15.39 -0.19
N THR C 24 3.89 14.08 0.02
CA THR C 24 4.40 13.50 1.26
C THR C 24 5.91 13.54 1.50
N THR C 25 6.72 13.59 0.45
CA THR C 25 8.18 13.61 0.63
C THR C 25 8.91 14.84 0.07
N ASN C 26 8.19 15.67 -0.67
CA ASN C 26 8.77 16.88 -1.26
C ASN C 26 9.97 16.56 -2.15
N ALA C 27 9.75 15.64 -3.09
CA ALA C 27 10.78 15.23 -4.04
C ALA C 27 10.07 14.56 -5.20
N PHE C 28 10.63 14.66 -6.40
CA PHE C 28 10.03 14.04 -7.58
C PHE C 28 10.61 12.63 -7.69
N PRO C 29 9.74 11.65 -7.91
CA PRO C 29 10.18 10.26 -8.03
C PRO C 29 10.87 9.90 -9.34
N GLY C 30 10.89 10.84 -10.29
CA GLY C 30 11.53 10.58 -11.57
C GLY C 30 12.93 9.99 -11.46
N GLU C 31 13.41 9.86 -10.24
CA GLU C 31 14.74 9.31 -9.96
C GLU C 31 14.62 7.88 -9.44
N TYR C 32 14.73 6.92 -10.37
CA TYR C 32 14.66 5.49 -10.06
C TYR C 32 13.23 4.95 -9.90
N ILE C 33 12.25 5.84 -9.83
CA ILE C 33 10.85 5.42 -9.65
C ILE C 33 10.78 4.55 -8.38
N PRO C 34 10.72 5.18 -7.20
CA PRO C 34 10.65 4.54 -5.87
C PRO C 34 9.54 3.51 -5.63
N THR C 35 9.90 2.47 -4.87
CA THR C 35 9.02 1.35 -4.50
C THR C 35 7.65 1.29 -5.16
N VAL C 36 7.48 0.27 -6.00
CA VAL C 36 6.25 0.01 -6.73
C VAL C 36 5.06 -0.37 -5.86
N PHE C 37 3.89 0.15 -6.22
CA PHE C 37 2.65 -0.13 -5.51
C PHE C 37 2.63 0.30 -4.06
N ASP C 38 3.53 1.21 -3.70
CA ASP C 38 3.59 1.70 -2.33
C ASP C 38 2.45 2.69 -2.08
N ASN C 39 2.00 2.77 -0.83
CA ASN C 39 0.95 3.71 -0.46
C ASN C 39 1.62 4.73 0.46
N TYR C 40 0.97 5.87 0.68
CA TYR C 40 1.59 6.89 1.51
C TYR C 40 0.62 7.51 2.50
N SER C 41 1.14 7.93 3.65
CA SER C 41 0.31 8.56 4.67
C SER C 41 0.92 9.92 5.03
N ALA C 42 0.15 10.73 5.74
CA ALA C 42 0.65 12.04 6.14
C ALA C 42 -0.07 12.61 7.35
N ASN C 43 0.63 13.49 8.06
CA ASN C 43 0.08 14.15 9.25
C ASN C 43 0.04 15.65 8.95
N VAL C 44 -1.16 16.19 8.77
CA VAL C 44 -1.28 17.61 8.50
C VAL C 44 -2.16 18.32 9.52
N MET C 45 -1.95 19.62 9.67
CA MET C 45 -2.74 20.42 10.59
C MET C 45 -3.79 21.14 9.78
N VAL C 46 -5.03 20.67 9.88
CA VAL C 46 -6.14 21.29 9.17
C VAL C 46 -6.89 22.21 10.11
N ASP C 47 -6.32 23.40 10.32
CA ASP C 47 -6.90 24.41 11.22
C ASP C 47 -6.85 23.90 12.66
N GLY C 48 -5.70 24.06 13.31
CA GLY C 48 -5.53 23.62 14.68
C GLY C 48 -6.08 22.22 14.88
N LYS C 49 -5.97 21.41 13.83
CA LYS C 49 -6.50 20.05 13.86
C LYS C 49 -5.47 19.02 13.37
N PRO C 50 -5.06 18.10 14.26
CA PRO C 50 -4.09 17.06 13.91
C PRO C 50 -4.77 15.93 13.13
N VAL C 51 -4.43 15.79 11.85
CA VAL C 51 -5.04 14.75 10.98
C VAL C 51 -4.04 13.72 10.43
N ASN C 52 -4.46 12.45 10.43
CA ASN C 52 -3.62 11.37 9.90
C ASN C 52 -4.20 10.95 8.53
N LEU C 53 -3.56 11.47 7.48
CA LEU C 53 -4.00 11.22 6.12
C LEU C 53 -3.50 9.91 5.50
N GLY C 54 -4.45 9.04 5.18
CA GLY C 54 -4.12 7.76 4.55
C GLY C 54 -4.35 7.84 3.05
N LEU C 55 -3.27 7.96 2.28
CA LEU C 55 -3.34 8.07 0.82
C LEU C 55 -3.09 6.75 0.08
N TRP C 56 -4.06 6.35 -0.74
CA TRP C 56 -3.95 5.11 -1.50
C TRP C 56 -3.69 5.34 -2.99
N ASP C 57 -2.56 4.85 -3.48
CA ASP C 57 -2.24 5.00 -4.88
C ASP C 57 -2.91 3.84 -5.60
N THR C 58 -2.93 3.88 -6.92
CA THR C 58 -3.54 2.80 -7.69
C THR C 58 -2.84 2.58 -9.03
N ALA C 59 -3.49 1.80 -9.88
CA ALA C 59 -2.99 1.47 -11.20
C ALA C 59 -4.18 1.60 -12.17
N GLY C 60 -4.04 2.50 -13.14
CA GLY C 60 -5.11 2.72 -14.10
C GLY C 60 -5.29 1.70 -15.22
N GLN C 61 -4.23 0.98 -15.55
CA GLN C 61 -4.29 -0.03 -16.61
C GLN C 61 -5.39 -1.05 -16.34
N GLU C 62 -6.09 -1.48 -17.39
CA GLU C 62 -7.17 -2.46 -17.27
C GLU C 62 -6.78 -3.71 -16.48
N ASP C 63 -5.53 -4.14 -16.62
CA ASP C 63 -5.03 -5.32 -15.93
C ASP C 63 -5.41 -5.37 -14.45
N TYR C 64 -5.56 -4.21 -13.82
CA TYR C 64 -5.86 -4.17 -12.40
C TYR C 64 -7.31 -3.85 -12.03
N ASP C 65 -8.19 -3.81 -13.02
CA ASP C 65 -9.60 -3.51 -12.78
C ASP C 65 -10.26 -4.43 -11.75
N ARG C 66 -9.63 -5.58 -11.49
CA ARG C 66 -10.21 -6.51 -10.54
C ARG C 66 -9.76 -6.29 -9.10
N LEU C 67 -8.48 -5.95 -8.91
CA LEU C 67 -8.00 -5.71 -7.57
C LEU C 67 -7.85 -4.24 -7.22
N ARG C 68 -8.46 -3.37 -8.00
CA ARG C 68 -8.40 -1.94 -7.71
C ARG C 68 -9.52 -1.59 -6.73
N PRO C 69 -10.77 -1.96 -7.04
CA PRO C 69 -11.88 -1.64 -6.12
C PRO C 69 -11.68 -2.23 -4.74
N LEU C 70 -10.63 -3.04 -4.57
CA LEU C 70 -10.33 -3.66 -3.28
C LEU C 70 -9.84 -2.64 -2.26
N SER C 71 -9.49 -1.46 -2.74
CA SER C 71 -9.01 -0.39 -1.87
C SER C 71 -10.08 0.67 -1.60
N TYR C 72 -11.20 0.58 -2.31
CA TYR C 72 -12.29 1.55 -2.15
C TYR C 72 -13.11 1.43 -0.85
N PRO C 73 -13.27 0.21 -0.31
CA PRO C 73 -14.05 0.13 0.92
C PRO C 73 -13.48 0.96 2.09
N GLN C 74 -14.37 1.57 2.86
CA GLN C 74 -13.98 2.39 4.00
C GLN C 74 -13.22 3.64 3.60
N THR C 75 -13.42 4.11 2.36
CA THR C 75 -12.76 5.32 1.88
C THR C 75 -13.56 6.56 2.30
N ASP C 76 -12.88 7.70 2.37
CA ASP C 76 -13.52 8.94 2.78
C ASP C 76 -13.57 10.03 1.71
N VAL C 77 -12.66 9.96 0.75
CA VAL C 77 -12.64 10.97 -0.30
C VAL C 77 -11.83 10.54 -1.51
N PHE C 78 -12.50 10.45 -2.66
CA PHE C 78 -11.84 10.07 -3.90
C PHE C 78 -11.28 11.28 -4.62
N LEU C 79 -10.15 11.09 -5.29
CA LEU C 79 -9.55 12.17 -6.03
C LEU C 79 -9.34 11.70 -7.46
N ILE C 80 -10.39 11.78 -8.27
CA ILE C 80 -10.29 11.35 -9.66
C ILE C 80 -9.35 12.33 -10.33
N CYS C 81 -8.28 11.80 -10.88
CA CYS C 81 -7.29 12.65 -11.55
C CYS C 81 -7.37 12.46 -13.06
N PHE C 82 -6.81 13.43 -13.78
CA PHE C 82 -6.73 13.45 -15.25
C PHE C 82 -5.64 14.44 -15.63
N SER C 83 -4.87 14.13 -16.67
CA SER C 83 -3.81 15.02 -17.09
C SER C 83 -4.36 16.19 -17.93
N LEU C 84 -3.98 17.41 -17.55
CA LEU C 84 -4.43 18.58 -18.29
C LEU C 84 -3.79 18.60 -19.67
N VAL C 85 -2.76 17.79 -19.83
CA VAL C 85 -2.03 17.69 -21.10
C VAL C 85 -2.62 16.52 -21.88
N SER C 86 -3.51 15.78 -21.23
CA SER C 86 -4.13 14.62 -21.85
C SER C 86 -5.64 14.73 -21.95
N PRO C 87 -6.14 15.23 -23.09
CA PRO C 87 -7.58 15.37 -23.27
C PRO C 87 -8.24 13.99 -23.23
N ALA C 88 -7.51 13.00 -23.74
CA ALA C 88 -7.99 11.63 -23.76
C ALA C 88 -8.26 11.12 -22.35
N SER C 89 -7.26 11.27 -21.49
CA SER C 89 -7.39 10.85 -20.09
C SER C 89 -8.57 11.56 -19.46
N PHE C 90 -8.72 12.84 -19.81
CA PHE C 90 -9.80 13.65 -19.29
C PHE C 90 -11.18 13.13 -19.66
N GLU C 91 -11.30 12.49 -20.82
CA GLU C 91 -12.58 11.95 -21.26
C GLU C 91 -12.96 10.76 -20.39
N ASN C 92 -11.98 9.91 -20.09
CA ASN C 92 -12.22 8.74 -19.26
C ASN C 92 -12.66 9.13 -17.87
N VAL C 93 -12.60 10.43 -17.57
CA VAL C 93 -13.03 10.93 -16.27
C VAL C 93 -14.51 10.61 -16.09
N ARG C 94 -15.24 10.56 -17.20
CA ARG C 94 -16.67 10.24 -17.17
C ARG C 94 -16.84 8.85 -17.77
N ALA C 95 -15.93 8.49 -18.66
CA ALA C 95 -15.97 7.20 -19.32
C ALA C 95 -15.68 6.02 -18.39
N LYS C 96 -14.77 6.20 -17.44
CA LYS C 96 -14.42 5.10 -16.55
C LYS C 96 -14.47 5.37 -15.05
N TRP C 97 -13.74 6.38 -14.61
CA TRP C 97 -13.64 6.73 -13.19
C TRP C 97 -14.94 7.11 -12.49
N TYR C 98 -15.59 8.19 -12.91
CA TYR C 98 -16.83 8.59 -12.25
C TYR C 98 -17.75 7.42 -11.94
N PRO C 99 -17.91 6.49 -12.88
CA PRO C 99 -18.80 5.34 -12.63
C PRO C 99 -18.25 4.34 -11.61
N GLU C 100 -17.06 3.79 -11.89
CA GLU C 100 -16.45 2.80 -11.02
C GLU C 100 -16.42 3.18 -9.55
N VAL C 101 -15.95 4.38 -9.26
CA VAL C 101 -15.89 4.85 -7.88
C VAL C 101 -17.28 4.84 -7.27
N ARG C 102 -18.28 5.27 -8.05
CA ARG C 102 -19.66 5.31 -7.58
C ARG C 102 -20.29 3.92 -7.53
N HIS C 103 -19.86 3.05 -8.44
CA HIS C 103 -20.37 1.68 -8.52
C HIS C 103 -20.22 0.95 -7.18
N HIS C 104 -19.22 1.35 -6.40
CA HIS C 104 -18.95 0.73 -5.09
C HIS C 104 -19.42 1.60 -3.93
N CYS C 105 -18.95 2.84 -3.90
CA CYS C 105 -19.31 3.75 -2.82
C CYS C 105 -20.03 5.01 -3.29
N PRO C 106 -21.33 4.88 -3.59
CA PRO C 106 -22.14 6.01 -4.04
C PRO C 106 -22.61 6.83 -2.85
N ASN C 107 -21.77 7.75 -2.39
CA ASN C 107 -22.08 8.61 -1.25
C ASN C 107 -20.82 9.28 -0.74
N THR C 108 -19.69 8.97 -1.38
CA THR C 108 -18.41 9.53 -0.97
C THR C 108 -18.01 10.73 -1.81
N PRO C 109 -17.58 11.83 -1.15
CA PRO C 109 -17.17 13.03 -1.86
C PRO C 109 -16.08 12.75 -2.88
N ILE C 110 -16.08 13.52 -3.95
CA ILE C 110 -15.09 13.35 -5.01
C ILE C 110 -14.45 14.69 -5.36
N ILE C 111 -13.13 14.69 -5.54
CA ILE C 111 -12.40 15.89 -5.90
C ILE C 111 -11.69 15.65 -7.22
N LEU C 112 -12.03 16.46 -8.23
CA LEU C 112 -11.42 16.34 -9.53
C LEU C 112 -10.14 17.17 -9.50
N VAL C 113 -9.02 16.58 -9.91
CA VAL C 113 -7.74 17.30 -9.91
C VAL C 113 -7.14 17.40 -11.30
N GLY C 114 -6.42 18.48 -11.55
CA GLY C 114 -5.79 18.68 -12.84
C GLY C 114 -4.29 18.50 -12.72
N THR C 115 -3.84 17.24 -12.76
CA THR C 115 -2.41 16.94 -12.64
C THR C 115 -1.63 17.48 -13.84
N LYS C 116 -0.45 18.02 -13.57
CA LYS C 116 0.42 18.57 -14.62
C LYS C 116 -0.14 19.89 -15.15
N LEU C 117 -0.09 20.93 -14.34
CA LEU C 117 -0.60 22.24 -14.75
C LEU C 117 0.49 23.08 -15.41
N ASP C 118 1.71 22.54 -15.45
CA ASP C 118 2.83 23.25 -16.06
C ASP C 118 2.94 22.93 -17.55
N LEU C 119 2.83 21.66 -17.91
CA LEU C 119 2.90 21.28 -19.32
C LEU C 119 1.59 21.63 -20.00
N ARG C 120 1.11 22.84 -19.71
CA ARG C 120 -0.13 23.34 -20.28
C ARG C 120 0.19 24.48 -21.24
N ASP C 121 1.32 25.14 -20.97
CA ASP C 121 1.77 26.27 -21.80
C ASP C 121 3.25 26.14 -22.16
N ASP C 122 3.69 24.93 -22.51
CA ASP C 122 5.09 24.72 -22.87
C ASP C 122 5.28 24.47 -24.35
N LYS C 123 6.46 24.82 -24.83
CA LYS C 123 6.82 24.63 -26.23
C LYS C 123 7.35 23.23 -26.50
N ASP C 124 6.45 22.33 -26.87
CA ASP C 124 6.81 20.94 -27.18
C ASP C 124 5.56 20.09 -27.34
N THR C 125 4.88 19.87 -26.22
CA THR C 125 3.65 19.08 -26.23
C THR C 125 2.55 19.95 -26.83
N ILE C 126 2.69 21.27 -26.64
CA ILE C 126 1.74 22.23 -27.15
C ILE C 126 1.61 22.05 -28.67
N GLU C 127 2.74 21.71 -29.29
CA GLU C 127 2.82 21.53 -30.74
C GLU C 127 2.37 20.11 -31.15
N LYS C 128 2.93 19.10 -30.50
CA LYS C 128 2.59 17.72 -30.80
C LYS C 128 1.15 17.41 -30.36
N LEU C 129 0.59 18.30 -29.54
CA LEU C 129 -0.78 18.14 -29.08
C LEU C 129 -1.66 18.47 -30.28
N LYS C 130 -1.29 19.54 -30.97
CA LYS C 130 -2.00 19.97 -32.17
C LYS C 130 -1.71 18.92 -33.24
N GLU C 131 -0.50 18.38 -33.20
CA GLU C 131 -0.05 17.34 -34.14
C GLU C 131 -1.02 16.16 -34.21
N LYS C 132 -1.75 15.94 -33.12
CA LYS C 132 -2.69 14.83 -33.04
C LYS C 132 -4.13 15.31 -33.21
N LYS C 133 -4.28 16.58 -33.57
CA LYS C 133 -5.61 17.18 -33.74
C LYS C 133 -6.25 17.31 -32.35
N LEU C 134 -5.44 17.66 -31.37
CA LEU C 134 -5.92 17.80 -29.99
C LEU C 134 -5.34 19.03 -29.28
N THR C 135 -5.99 19.44 -28.19
CA THR C 135 -5.57 20.60 -27.41
C THR C 135 -5.73 20.34 -25.91
N PRO C 136 -4.94 21.03 -25.06
CA PRO C 136 -4.98 20.88 -23.60
C PRO C 136 -6.32 21.20 -22.93
N ILE C 137 -6.52 20.66 -21.74
CA ILE C 137 -7.75 20.86 -20.99
C ILE C 137 -7.78 22.25 -20.37
N THR C 138 -8.87 22.96 -20.60
CA THR C 138 -9.04 24.31 -20.08
C THR C 138 -9.67 24.27 -18.71
N TYR C 139 -9.86 25.44 -18.11
CA TYR C 139 -10.48 25.52 -16.79
C TYR C 139 -11.91 25.02 -17.00
N PRO C 140 -12.63 25.58 -17.98
CA PRO C 140 -14.01 25.10 -18.22
C PRO C 140 -13.83 23.66 -18.73
N GLN C 141 -14.90 22.87 -18.73
CA GLN C 141 -14.77 21.48 -19.15
C GLN C 141 -13.61 20.96 -18.31
N GLY C 142 -13.92 20.81 -17.03
CA GLY C 142 -12.97 20.36 -16.03
C GLY C 142 -13.59 21.00 -14.81
N LEU C 143 -14.12 22.20 -15.03
CA LEU C 143 -14.79 22.95 -14.00
C LEU C 143 -16.25 22.54 -14.16
N ALA C 144 -16.61 22.17 -15.39
CA ALA C 144 -17.96 21.73 -15.71
C ALA C 144 -17.99 20.21 -15.54
N MET C 145 -16.83 19.60 -15.75
CA MET C 145 -16.66 18.16 -15.62
C MET C 145 -16.94 17.82 -14.16
N ALA C 146 -16.46 18.67 -13.27
CA ALA C 146 -16.67 18.48 -11.84
C ALA C 146 -18.16 18.49 -11.59
N LYS C 147 -18.83 19.54 -12.09
CA LYS C 147 -20.28 19.69 -11.93
C LYS C 147 -21.05 18.59 -12.66
N GLU C 148 -20.52 18.14 -13.80
CA GLU C 148 -21.17 17.09 -14.56
C GLU C 148 -21.23 15.82 -13.72
N ILE C 149 -20.33 15.75 -12.73
CA ILE C 149 -20.26 14.59 -11.83
C ILE C 149 -20.96 14.87 -10.51
N GLY C 150 -20.34 15.72 -9.69
CA GLY C 150 -20.89 16.05 -8.39
C GLY C 150 -19.75 16.25 -7.41
N ALA C 151 -18.60 16.66 -7.96
CA ALA C 151 -17.40 16.90 -7.16
C ALA C 151 -17.60 18.04 -6.17
N VAL C 152 -17.16 17.83 -4.93
CA VAL C 152 -17.29 18.83 -3.88
C VAL C 152 -16.30 19.97 -4.11
N LYS C 153 -15.42 19.80 -5.09
CA LYS C 153 -14.42 20.81 -5.40
C LYS C 153 -13.66 20.42 -6.66
N TYR C 154 -12.91 21.39 -7.21
CA TYR C 154 -12.11 21.17 -8.41
C TYR C 154 -10.85 22.03 -8.36
N LEU C 155 -9.70 21.37 -8.18
CA LEU C 155 -8.45 22.09 -8.12
C LEU C 155 -7.51 21.62 -9.22
N GLU C 156 -6.37 22.29 -9.34
CA GLU C 156 -5.36 21.95 -10.32
C GLU C 156 -4.00 22.12 -9.64
N CYS C 157 -3.00 21.40 -10.13
CA CYS C 157 -1.69 21.49 -9.52
C CYS C 157 -0.64 20.80 -10.37
N SER C 158 0.60 20.92 -9.92
CA SER C 158 1.73 20.30 -10.59
C SER C 158 2.58 19.62 -9.53
N ALA C 159 2.73 18.32 -9.65
CA ALA C 159 3.53 17.56 -8.70
C ALA C 159 5.00 17.89 -8.88
N LEU C 160 5.32 18.57 -9.98
CA LEU C 160 6.70 18.94 -10.29
C LEU C 160 7.02 20.37 -9.84
N THR C 161 5.98 21.14 -9.53
CA THR C 161 6.16 22.52 -9.08
C THR C 161 5.57 22.74 -7.71
N GLN C 162 4.76 21.78 -7.26
CA GLN C 162 4.11 21.86 -5.95
C GLN C 162 3.03 22.94 -5.90
N ARG C 163 2.98 23.78 -6.92
CA ARG C 163 1.97 24.84 -6.97
C ARG C 163 0.61 24.17 -6.96
N GLY C 164 -0.20 24.46 -5.95
CA GLY C 164 -1.52 23.87 -5.85
C GLY C 164 -1.54 22.48 -5.24
N LEU C 165 -0.36 21.89 -5.05
CA LEU C 165 -0.26 20.56 -4.47
C LEU C 165 -0.78 20.48 -3.04
N LYS C 166 -0.03 21.10 -2.13
CA LYS C 166 -0.38 21.14 -0.71
C LYS C 166 -1.87 21.40 -0.48
N THR C 167 -2.49 22.17 -1.37
CA THR C 167 -3.91 22.50 -1.27
C THR C 167 -4.84 21.31 -1.53
N VAL C 168 -4.66 20.68 -2.70
CA VAL C 168 -5.46 19.53 -3.12
C VAL C 168 -5.88 18.60 -1.98
N PHE C 169 -4.97 18.37 -1.03
CA PHE C 169 -5.26 17.48 0.08
C PHE C 169 -5.98 18.19 1.23
N ASP C 170 -5.70 19.48 1.41
CA ASP C 170 -6.37 20.23 2.46
C ASP C 170 -7.86 20.25 2.11
N GLU C 171 -8.14 20.32 0.81
CA GLU C 171 -9.52 20.32 0.33
C GLU C 171 -10.12 18.94 0.46
N ALA C 172 -9.29 17.92 0.31
CA ALA C 172 -9.73 16.54 0.43
C ALA C 172 -10.20 16.28 1.86
N ILE C 173 -9.43 16.81 2.80
CA ILE C 173 -9.71 16.67 4.22
C ILE C 173 -10.93 17.48 4.65
N ARG C 174 -10.96 18.75 4.27
CA ARG C 174 -12.09 19.60 4.62
C ARG C 174 -13.37 18.99 4.08
N ALA C 175 -13.31 18.47 2.87
CA ALA C 175 -14.45 17.83 2.25
C ALA C 175 -14.95 16.68 3.12
N VAL C 176 -14.05 16.16 3.95
CA VAL C 176 -14.41 15.05 4.83
C VAL C 176 -15.12 15.52 6.10
N LEU C 177 -14.41 16.23 6.97
CA LEU C 177 -15.02 16.72 8.20
C LEU C 177 -16.03 17.83 7.94
N CYS C 178 -16.20 18.18 6.67
CA CYS C 178 -17.13 19.23 6.25
C CYS C 178 -16.86 20.53 7.01
MG MG D . 2.14 4.99 -10.74
PB GDP E . 0.81 7.59 -12.60
O1B GDP E . -0.43 8.30 -12.23
O2B GDP E . 1.52 6.99 -11.36
O3B GDP E . 0.44 6.46 -13.59
O3A GDP E . 1.75 8.67 -13.31
PA GDP E . 3.27 8.90 -12.91
O1A GDP E . 3.42 9.60 -11.62
O2A GDP E . 4.09 7.60 -12.98
O5' GDP E . 3.72 9.89 -14.10
C5' GDP E . 3.86 9.37 -15.40
C4' GDP E . 4.85 10.25 -16.16
O4' GDP E . 4.42 11.59 -16.02
C3' GDP E . 6.25 10.16 -15.61
O3' GDP E . 7.15 10.08 -16.69
C2' GDP E . 6.40 11.43 -14.79
O2' GDP E . 7.70 11.95 -14.76
C1' GDP E . 5.46 12.38 -15.50
N9 GDP E . 4.85 13.36 -14.60
C8 GDP E . 4.08 13.08 -13.51
N7 GDP E . 3.69 14.27 -12.97
C5 GDP E . 4.20 15.27 -13.71
C6 GDP E . 4.11 16.66 -13.62
O6 GDP E . 3.60 17.18 -12.62
N1 GDP E . 4.77 17.44 -14.55
C2 GDP E . 5.49 16.85 -15.57
N2 GDP E . 6.28 17.57 -16.35
N3 GDP E . 5.56 15.48 -15.66
C4 GDP E . 4.93 14.70 -14.75
#